data_4ZKP
#
_entry.id   4ZKP
#
_cell.length_a   43.846
_cell.length_b   43.846
_cell.length_c   272.319
_cell.angle_alpha   90.00
_cell.angle_beta   90.00
_cell.angle_gamma   120.00
#
_symmetry.space_group_name_H-M   'P 3'
#
loop_
_entity.id
_entity.type
_entity.pdbx_description
1 polymer 'Tail needle protein gp26'
2 non-polymer 'CALCIUM ION'
3 non-polymer 'CHLORIDE ION'
4 water water
#
_entity_poly.entity_id   1
_entity_poly.type   'polypeptide(L)'
_entity_poly.pdbx_seq_one_letter_code
;GPGSMADPSLNNPVVIQATRLDASILPRNVFSKSYLLYVIAQGTDVGAIAGKANEAGQGAYDAQVKNDEQDVELADHEAR
IKQLRIDVDDHESRITANTKAITALNVRVTTAEGEIASLQTNVSALDGRVTTAENNISALQADYVSKTATTSQSLASPLN
VTTSYSVGGKKVLGARQTGWTAATGTANKGVFDADLTFAVSDTYTQSEIQAIANALITERRRTKAMEDALRAHGLID
;
_entity_poly.pdbx_strand_id   A,B
#
loop_
_chem_comp.id
_chem_comp.type
_chem_comp.name
_chem_comp.formula
CA non-polymer 'CALCIUM ION' 'Ca 2'
CL non-polymer 'CHLORIDE ION' 'Cl -1'
#
# COMPACT_ATOMS: atom_id res chain seq x y z
N GLY A 59 -150.06 -25.10 -100.54
CA GLY A 59 -148.64 -25.29 -100.30
C GLY A 59 -147.80 -24.92 -101.51
N ALA A 60 -146.82 -25.75 -101.83
CA ALA A 60 -145.97 -25.49 -102.99
C ALA A 60 -145.00 -24.34 -102.73
N TYR A 61 -145.55 -23.19 -102.39
CA TYR A 61 -144.75 -22.00 -102.14
C TYR A 61 -143.81 -22.16 -100.94
N ASP A 62 -144.28 -22.83 -99.91
CA ASP A 62 -143.52 -23.02 -98.67
C ASP A 62 -142.14 -23.66 -98.89
N ALA A 63 -142.06 -24.58 -99.85
CA ALA A 63 -140.81 -25.27 -100.16
C ALA A 63 -139.75 -24.33 -100.73
N GLN A 64 -140.16 -23.43 -101.62
CA GLN A 64 -139.25 -22.46 -102.19
C GLN A 64 -138.76 -21.47 -101.12
N VAL A 65 -139.68 -21.10 -100.23
CA VAL A 65 -139.37 -20.18 -99.15
C VAL A 65 -138.38 -20.85 -98.19
N LYS A 66 -138.59 -22.15 -97.97
CA LYS A 66 -137.73 -22.91 -97.06
C LYS A 66 -136.34 -23.10 -97.62
N ASN A 67 -136.24 -23.38 -98.91
CA ASN A 67 -134.95 -23.57 -99.56
C ASN A 67 -134.14 -22.28 -99.61
N ASP A 68 -134.83 -21.16 -99.82
CA ASP A 68 -134.17 -19.85 -99.87
C ASP A 68 -133.65 -19.44 -98.50
N GLU A 69 -134.44 -19.67 -97.46
CA GLU A 69 -134.04 -19.31 -96.10
C GLU A 69 -132.96 -20.25 -95.60
N GLN A 70 -132.96 -21.49 -96.07
CA GLN A 70 -131.88 -22.42 -95.75
C GLN A 70 -130.60 -21.96 -96.41
N ASP A 71 -130.73 -21.46 -97.64
CA ASP A 71 -129.60 -20.88 -98.38
C ASP A 71 -129.02 -19.68 -97.65
N VAL A 72 -129.91 -18.86 -97.09
CA VAL A 72 -129.50 -17.67 -96.35
C VAL A 72 -128.65 -18.06 -95.15
N GLU A 73 -129.08 -19.10 -94.44
CA GLU A 73 -128.37 -19.58 -93.26
C GLU A 73 -127.04 -20.21 -93.66
N LEU A 74 -127.03 -20.93 -94.78
CA LEU A 74 -125.81 -21.55 -95.29
C LEU A 74 -124.76 -20.49 -95.62
N ALA A 75 -125.21 -19.39 -96.20
CA ALA A 75 -124.31 -18.29 -96.54
C ALA A 75 -123.76 -17.63 -95.28
N ASP A 76 -124.57 -17.59 -94.23
CA ASP A 76 -124.15 -17.01 -92.96
C ASP A 76 -123.15 -17.90 -92.25
N HIS A 77 -123.40 -19.21 -92.28
CA HIS A 77 -122.49 -20.19 -91.71
C HIS A 77 -121.15 -20.16 -92.45
N GLU A 78 -121.21 -20.03 -93.77
CA GLU A 78 -120.02 -20.05 -94.61
C GLU A 78 -119.11 -18.88 -94.29
N ALA A 79 -119.70 -17.71 -94.07
CA ALA A 79 -118.94 -16.50 -93.78
C ALA A 79 -118.31 -16.56 -92.39
N ARG A 80 -119.04 -17.13 -91.44
CA ARG A 80 -118.58 -17.22 -90.06
C ARG A 80 -117.51 -18.30 -89.89
N ILE A 81 -117.60 -19.35 -90.69
CA ILE A 81 -116.59 -20.41 -90.66
C ILE A 81 -115.29 -19.87 -91.24
N LYS A 82 -115.40 -19.08 -92.30
CA LYS A 82 -114.24 -18.44 -92.92
C LYS A 82 -113.49 -17.55 -91.93
N GLN A 83 -114.23 -16.81 -91.13
CA GLN A 83 -113.62 -15.88 -90.19
C GLN A 83 -113.01 -16.61 -89.01
N LEU A 84 -113.68 -17.67 -88.56
CA LEU A 84 -113.13 -18.55 -87.54
C LEU A 84 -111.81 -19.16 -88.00
N ARG A 85 -111.79 -19.59 -89.25
CA ARG A 85 -110.60 -20.21 -89.84
C ARG A 85 -109.45 -19.21 -89.89
N ILE A 86 -109.76 -17.96 -90.22
CA ILE A 86 -108.78 -16.89 -90.24
C ILE A 86 -108.20 -16.66 -88.84
N ASP A 87 -109.09 -16.57 -87.86
CA ASP A 87 -108.70 -16.30 -86.48
C ASP A 87 -107.85 -17.42 -85.89
N VAL A 88 -108.25 -18.66 -86.16
CA VAL A 88 -107.56 -19.81 -85.59
C VAL A 88 -106.19 -19.98 -86.25
N ASP A 89 -106.10 -19.72 -87.56
CA ASP A 89 -104.84 -19.73 -88.27
C ASP A 89 -103.91 -18.64 -87.73
N ASP A 90 -104.51 -17.53 -87.30
CA ASP A 90 -103.75 -16.43 -86.72
C ASP A 90 -103.28 -16.81 -85.33
N HIS A 91 -104.14 -17.48 -84.58
CA HIS A 91 -103.80 -17.94 -83.23
C HIS A 91 -102.69 -18.98 -83.25
N GLU A 92 -102.73 -19.88 -84.22
CA GLU A 92 -101.71 -20.92 -84.36
C GLU A 92 -100.30 -20.35 -84.39
N SER A 93 -100.09 -19.36 -85.25
CA SER A 93 -98.78 -18.73 -85.40
C SER A 93 -98.33 -17.99 -84.14
N ARG A 94 -99.26 -17.28 -83.51
CA ARG A 94 -98.92 -16.41 -82.39
C ARG A 94 -98.58 -17.16 -81.09
N ILE A 95 -99.34 -18.19 -80.77
CA ILE A 95 -99.08 -18.97 -79.55
C ILE A 95 -97.83 -19.82 -79.75
N THR A 96 -97.57 -20.23 -80.99
CA THR A 96 -96.36 -20.98 -81.32
C THR A 96 -95.16 -20.08 -81.09
N ALA A 97 -95.31 -18.81 -81.46
CA ALA A 97 -94.27 -17.81 -81.25
C ALA A 97 -94.04 -17.61 -79.76
N ASN A 98 -95.12 -17.61 -78.99
CA ASN A 98 -95.06 -17.45 -77.54
C ASN A 98 -94.35 -18.63 -76.89
N THR A 99 -94.64 -19.84 -77.37
CA THR A 99 -94.02 -21.05 -76.85
C THR A 99 -92.52 -21.00 -77.06
N LYS A 100 -92.12 -20.56 -78.25
CA LYS A 100 -90.70 -20.43 -78.58
C LYS A 100 -90.04 -19.35 -77.72
N ALA A 101 -90.80 -18.28 -77.44
CA ALA A 101 -90.28 -17.18 -76.64
C ALA A 101 -90.15 -17.58 -75.17
N ILE A 102 -91.07 -18.41 -74.70
CA ILE A 102 -91.03 -18.91 -73.33
C ILE A 102 -89.86 -19.86 -73.16
N THR A 103 -89.68 -20.74 -74.15
CA THR A 103 -88.59 -21.70 -74.16
C THR A 103 -87.24 -20.99 -74.11
N ALA A 104 -87.12 -19.92 -74.89
CA ALA A 104 -85.88 -19.14 -74.95
C ALA A 104 -85.61 -18.41 -73.65
N LEU A 105 -86.69 -17.97 -72.98
CA LEU A 105 -86.57 -17.25 -71.72
C LEU A 105 -86.05 -18.16 -70.60
N ASN A 106 -86.48 -19.41 -70.62
CA ASN A 106 -86.04 -20.37 -69.62
C ASN A 106 -84.53 -20.61 -69.70
N VAL A 107 -84.00 -20.58 -70.92
CA VAL A 107 -82.57 -20.74 -71.15
C VAL A 107 -81.80 -19.60 -70.50
N ARG A 108 -82.25 -18.37 -70.75
CA ARG A 108 -81.60 -17.18 -70.21
C ARG A 108 -81.72 -17.11 -68.70
N VAL A 109 -82.88 -17.47 -68.17
CA VAL A 109 -83.10 -17.43 -66.73
C VAL A 109 -82.24 -18.49 -66.06
N THR A 110 -82.12 -19.64 -66.71
CA THR A 110 -81.31 -20.74 -66.19
C THR A 110 -79.83 -20.33 -66.15
N THR A 111 -79.40 -19.66 -67.21
CA THR A 111 -78.02 -19.16 -67.30
C THR A 111 -77.75 -18.14 -66.21
N ALA A 112 -78.72 -17.26 -65.98
CA ALA A 112 -78.60 -16.21 -64.97
C ALA A 112 -78.59 -16.80 -63.55
N GLU A 113 -79.35 -17.86 -63.36
CA GLU A 113 -79.40 -18.55 -62.07
C GLU A 113 -78.05 -19.22 -61.85
N GLY A 114 -77.44 -19.65 -62.94
CA GLY A 114 -76.14 -20.28 -62.90
C GLY A 114 -75.03 -19.31 -62.57
N GLU A 115 -75.25 -18.03 -62.85
CA GLU A 115 -74.29 -16.97 -62.53
C GLU A 115 -74.53 -16.33 -61.16
N ILE A 116 -75.78 -16.32 -60.69
CA ILE A 116 -76.12 -15.76 -59.37
C ILE A 116 -75.66 -16.59 -58.16
N ALA A 117 -75.90 -17.90 -58.19
CA ALA A 117 -75.41 -18.77 -57.12
C ALA A 117 -73.88 -18.82 -57.12
N SER A 118 -73.28 -18.65 -58.29
CA SER A 118 -71.82 -18.57 -58.38
C SER A 118 -71.32 -17.29 -57.70
N LEU A 119 -71.99 -16.19 -57.98
CA LEU A 119 -71.64 -14.90 -57.40
C LEU A 119 -71.83 -14.89 -55.88
N GLN A 120 -72.92 -15.52 -55.43
CA GLN A 120 -73.23 -15.59 -54.00
C GLN A 120 -72.15 -16.35 -53.24
N THR A 121 -71.49 -17.28 -53.93
CA THR A 121 -70.42 -18.05 -53.33
C THR A 121 -69.13 -17.24 -53.24
N ASN A 122 -68.83 -16.51 -54.32
CA ASN A 122 -67.63 -15.70 -54.37
C ASN A 122 -67.69 -14.53 -53.40
N VAL A 123 -68.88 -13.94 -53.27
CA VAL A 123 -69.07 -12.82 -52.35
C VAL A 123 -68.89 -13.30 -50.91
N SER A 124 -69.38 -14.50 -50.63
CA SER A 124 -69.24 -15.10 -49.32
C SER A 124 -67.78 -15.43 -49.02
N ALA A 125 -67.05 -15.87 -50.04
CA ALA A 125 -65.64 -16.20 -49.88
C ALA A 125 -64.81 -14.94 -49.67
N LEU A 126 -65.14 -13.89 -50.42
CA LEU A 126 -64.44 -12.61 -50.28
C LEU A 126 -64.73 -11.99 -48.92
N ASP A 127 -65.96 -12.16 -48.44
CA ASP A 127 -66.36 -11.65 -47.14
C ASP A 127 -65.50 -12.27 -46.03
N GLY A 128 -65.19 -13.55 -46.18
CA GLY A 128 -64.34 -14.25 -45.24
C GLY A 128 -62.90 -13.79 -45.30
N ARG A 129 -62.43 -13.51 -46.51
CA ARG A 129 -61.06 -13.04 -46.72
C ARG A 129 -60.85 -11.65 -46.12
N VAL A 130 -61.83 -10.78 -46.30
CA VAL A 130 -61.73 -9.40 -45.83
C VAL A 130 -61.80 -9.37 -44.30
N THR A 131 -62.67 -10.19 -43.74
CA THR A 131 -62.80 -10.31 -42.29
C THR A 131 -61.47 -10.76 -41.70
N THR A 132 -60.85 -11.73 -42.36
CA THR A 132 -59.54 -12.24 -41.95
C THR A 132 -58.49 -11.12 -42.06
N ALA A 133 -58.57 -10.35 -43.14
CA ALA A 133 -57.63 -9.27 -43.38
C ALA A 133 -57.79 -8.15 -42.36
N GLU A 134 -59.03 -7.80 -42.05
CA GLU A 134 -59.32 -6.76 -41.07
C GLU A 134 -58.81 -7.12 -39.67
N ASN A 135 -58.78 -8.42 -39.38
CA ASN A 135 -58.31 -8.89 -38.08
C ASN A 135 -56.78 -8.91 -38.03
N ASN A 136 -56.17 -9.11 -39.19
CA ASN A 136 -54.71 -9.07 -39.30
C ASN A 136 -54.22 -7.63 -39.20
N ILE A 137 -55.01 -6.71 -39.72
CA ILE A 137 -54.68 -5.30 -39.67
C ILE A 137 -54.81 -4.78 -38.25
N SER A 138 -55.88 -5.19 -37.57
CA SER A 138 -56.12 -4.78 -36.19
C SER A 138 -55.01 -5.26 -35.25
N ALA A 139 -54.53 -6.48 -35.50
CA ALA A 139 -53.44 -7.04 -34.71
C ALA A 139 -52.16 -6.26 -34.91
N LEU A 140 -51.91 -5.88 -36.17
CA LEU A 140 -50.73 -5.10 -36.53
C LEU A 140 -50.77 -3.70 -35.92
N GLN A 141 -51.92 -3.05 -36.05
CA GLN A 141 -52.11 -1.68 -35.56
C GLN A 141 -51.76 -1.55 -34.07
N ALA A 142 -52.07 -2.58 -33.30
CA ALA A 142 -51.84 -2.56 -31.87
C ALA A 142 -50.42 -2.98 -31.50
N ASP A 143 -49.76 -3.72 -32.40
CA ASP A 143 -48.51 -4.37 -32.06
C ASP A 143 -47.28 -3.75 -32.72
N TYR A 144 -47.48 -2.90 -33.73
CA TYR A 144 -46.36 -2.39 -34.51
C TYR A 144 -45.71 -1.17 -33.88
N VAL A 145 -44.43 -0.95 -34.18
CA VAL A 145 -43.69 0.20 -33.67
C VAL A 145 -43.78 1.35 -34.66
N SER A 146 -44.28 2.48 -34.18
CA SER A 146 -44.57 3.63 -35.04
C SER A 146 -43.42 4.61 -35.14
N LYS A 147 -43.21 5.14 -36.34
CA LYS A 147 -42.17 6.15 -36.59
C LYS A 147 -42.60 7.53 -36.12
N THR A 148 -43.90 7.72 -35.97
CA THR A 148 -44.45 9.05 -35.71
C THR A 148 -45.02 9.22 -34.31
N ALA A 149 -45.32 8.11 -33.64
CA ALA A 149 -45.85 8.16 -32.28
C ALA A 149 -44.89 8.89 -31.36
N THR A 150 -45.44 9.68 -30.43
CA THR A 150 -44.62 10.49 -29.55
C THR A 150 -44.51 9.89 -28.15
N THR A 151 -45.52 9.12 -27.77
CA THR A 151 -45.50 8.43 -26.48
C THR A 151 -44.49 7.30 -26.55
N SER A 152 -43.69 7.16 -25.48
CA SER A 152 -42.65 6.14 -25.42
C SER A 152 -43.17 4.75 -25.75
N GLN A 153 -42.43 4.02 -26.56
CA GLN A 153 -42.83 2.67 -26.97
C GLN A 153 -41.89 1.64 -26.39
N SER A 154 -42.43 0.50 -25.99
CA SER A 154 -41.65 -0.52 -25.30
C SER A 154 -41.70 -1.87 -26.00
N LEU A 155 -40.55 -2.52 -26.11
CA LEU A 155 -40.47 -3.86 -26.67
C LEU A 155 -40.34 -4.90 -25.55
N ALA A 156 -40.88 -6.08 -25.80
CA ALA A 156 -40.78 -7.17 -24.84
C ALA A 156 -39.54 -8.01 -25.11
N SER A 157 -38.78 -7.61 -26.13
CA SER A 157 -37.60 -8.35 -26.55
C SER A 157 -36.35 -7.47 -26.56
N PRO A 158 -35.16 -8.09 -26.58
CA PRO A 158 -33.93 -7.35 -26.88
C PRO A 158 -33.95 -6.73 -28.27
N LEU A 159 -33.00 -5.84 -28.53
CA LEU A 159 -32.95 -5.15 -29.83
C LEU A 159 -31.53 -5.19 -30.39
N ASN A 160 -31.43 -5.46 -31.68
CA ASN A 160 -30.15 -5.37 -32.39
C ASN A 160 -30.31 -4.48 -33.61
N VAL A 161 -29.33 -3.62 -33.84
CA VAL A 161 -29.36 -2.68 -34.96
C VAL A 161 -28.03 -2.70 -35.70
N THR A 162 -28.04 -2.24 -36.95
CA THR A 162 -26.80 -2.06 -37.70
C THR A 162 -26.13 -0.72 -37.40
N THR A 163 -24.83 -0.79 -37.13
CA THR A 163 -23.94 0.37 -37.09
C THR A 163 -24.06 1.27 -35.84
N SER A 164 -25.24 1.85 -35.60
CA SER A 164 -25.36 2.84 -34.55
C SER A 164 -26.74 2.93 -33.92
N TYR A 165 -26.76 3.42 -32.69
CA TYR A 165 -27.95 3.99 -32.06
C TYR A 165 -27.77 5.51 -31.98
N SER A 166 -28.83 6.25 -32.27
CA SER A 166 -28.77 7.71 -32.18
C SER A 166 -29.91 8.28 -31.34
N VAL A 167 -29.67 9.45 -30.77
CA VAL A 167 -30.68 10.19 -30.03
C VAL A 167 -30.77 11.58 -30.63
N GLY A 168 -31.97 11.97 -31.07
CA GLY A 168 -32.17 13.30 -31.63
C GLY A 168 -31.32 13.60 -32.85
N GLY A 169 -30.93 12.55 -33.57
CA GLY A 169 -30.16 12.69 -34.79
C GLY A 169 -28.65 12.67 -34.66
N LYS A 170 -28.14 12.54 -33.43
CA LYS A 170 -26.71 12.40 -33.23
C LYS A 170 -26.33 11.06 -32.60
N LYS A 171 -25.33 10.41 -33.19
CA LYS A 171 -24.92 9.07 -32.77
C LYS A 171 -24.35 9.10 -31.35
N VAL A 172 -24.88 8.23 -30.50
CA VAL A 172 -24.43 8.16 -29.12
C VAL A 172 -23.89 6.78 -28.80
N LEU A 173 -24.28 5.81 -29.61
CA LEU A 173 -23.82 4.45 -29.40
C LEU A 173 -23.46 3.73 -30.70
N GLY A 174 -22.31 3.06 -30.69
CA GLY A 174 -21.82 2.37 -31.87
C GLY A 174 -21.42 0.94 -31.57
N ALA A 175 -20.54 0.40 -32.40
CA ALA A 175 -20.03 -0.95 -32.19
C ALA A 175 -19.12 -1.01 -30.96
N ARG A 176 -19.10 -2.16 -30.30
CA ARG A 176 -18.22 -2.42 -29.17
C ARG A 176 -16.77 -2.09 -29.50
N GLN A 177 -16.12 -1.35 -28.62
CA GLN A 177 -14.71 -1.03 -28.80
C GLN A 177 -13.83 -2.15 -28.25
N THR A 178 -12.95 -2.65 -29.09
CA THR A 178 -12.16 -3.83 -28.77
C THR A 178 -10.70 -3.48 -28.55
N GLY A 179 -9.92 -4.47 -28.14
CA GLY A 179 -8.50 -4.28 -27.91
C GLY A 179 -8.16 -3.96 -26.47
N TRP A 180 -9.15 -4.11 -25.58
CA TRP A 180 -8.96 -3.84 -24.17
C TRP A 180 -8.41 -5.03 -23.40
N THR A 181 -7.47 -4.75 -22.50
CA THR A 181 -7.04 -5.74 -21.51
C THR A 181 -7.72 -5.37 -20.19
N ALA A 182 -8.51 -6.30 -19.66
CA ALA A 182 -9.29 -6.03 -18.46
C ALA A 182 -8.41 -5.73 -17.26
N ALA A 183 -8.70 -4.61 -16.59
CA ALA A 183 -8.00 -4.25 -15.36
C ALA A 183 -8.28 -5.29 -14.29
N THR A 184 -7.31 -5.51 -13.41
CA THR A 184 -7.50 -6.44 -12.30
C THR A 184 -7.45 -5.69 -10.97
N GLY A 185 -7.92 -6.36 -9.92
CA GLY A 185 -7.89 -5.79 -8.59
C GLY A 185 -9.23 -5.32 -8.05
N THR A 186 -9.19 -4.39 -7.10
CA THR A 186 -10.38 -3.90 -6.44
C THR A 186 -11.08 -2.80 -7.24
N ALA A 187 -12.40 -2.80 -7.22
CA ALA A 187 -13.18 -1.73 -7.83
C ALA A 187 -13.78 -0.84 -6.75
N ASN A 188 -13.71 0.47 -6.94
CA ASN A 188 -14.19 1.42 -5.94
C ASN A 188 -15.41 2.18 -6.44
N LYS A 189 -16.58 1.82 -5.93
CA LYS A 189 -17.82 2.49 -6.27
C LYS A 189 -18.41 3.20 -5.05
N GLY A 190 -17.60 3.39 -4.03
CA GLY A 190 -18.04 4.00 -2.80
C GLY A 190 -17.78 5.50 -2.72
N VAL A 191 -17.62 6.01 -1.50
CA VAL A 191 -17.38 7.43 -1.28
C VAL A 191 -16.12 7.89 -2.00
N PHE A 192 -16.23 8.99 -2.73
CA PHE A 192 -15.12 9.52 -3.50
C PHE A 192 -15.24 11.04 -3.61
N ASP A 193 -14.22 11.74 -3.12
CA ASP A 193 -14.25 13.21 -3.13
C ASP A 193 -13.18 13.75 -4.07
N ALA A 194 -13.62 14.37 -5.15
CA ALA A 194 -12.72 14.89 -6.18
C ALA A 194 -12.10 16.21 -5.77
N ASP A 195 -12.59 16.79 -4.67
CA ASP A 195 -12.04 18.03 -4.15
C ASP A 195 -11.07 17.75 -3.01
N LEU A 196 -10.65 16.49 -2.89
CA LEU A 196 -9.63 16.11 -1.91
C LEU A 196 -8.30 16.75 -2.29
N THR A 197 -7.70 17.45 -1.33
CA THR A 197 -6.41 18.12 -1.56
C THR A 197 -5.33 17.47 -0.71
N PHE A 198 -4.09 17.91 -0.92
CA PHE A 198 -2.96 17.29 -0.24
C PHE A 198 -1.97 18.32 0.29
N ALA A 199 -1.56 18.16 1.54
CA ALA A 199 -0.55 19.01 2.14
C ALA A 199 0.85 18.61 1.67
N VAL A 200 1.65 19.58 1.26
CA VAL A 200 3.01 19.33 0.82
C VAL A 200 3.97 20.30 1.50
N SER A 201 4.71 19.82 2.49
CA SER A 201 5.64 20.65 3.24
C SER A 201 6.95 20.82 2.47
N ASP A 202 7.83 21.67 2.99
CA ASP A 202 9.13 21.90 2.35
C ASP A 202 10.15 20.84 2.73
N THR A 203 9.81 20.03 3.72
CA THR A 203 10.65 18.90 4.12
C THR A 203 9.88 17.59 3.94
N TYR A 204 10.60 16.50 3.75
CA TYR A 204 9.98 15.19 3.54
C TYR A 204 9.11 14.78 4.71
N THR A 205 7.84 14.51 4.42
CA THR A 205 6.90 14.02 5.43
C THR A 205 6.20 12.75 4.94
N GLN A 206 6.55 11.63 5.56
CA GLN A 206 6.02 10.32 5.18
C GLN A 206 4.49 10.29 5.07
N SER A 207 3.81 10.90 6.05
CA SER A 207 2.36 10.88 6.10
C SER A 207 1.74 11.61 4.92
N GLU A 208 2.44 12.62 4.40
CA GLU A 208 1.95 13.39 3.27
C GLU A 208 2.10 12.62 1.97
N ILE A 209 3.13 11.79 1.88
CA ILE A 209 3.37 11.00 0.68
C ILE A 209 2.45 9.79 0.70
N GLN A 210 2.15 9.31 1.90
CA GLN A 210 1.21 8.20 2.08
C GLN A 210 -0.19 8.62 1.64
N ALA A 211 -0.56 9.86 1.99
CA ALA A 211 -1.87 10.39 1.65
C ALA A 211 -2.06 10.48 0.14
N ILE A 212 -1.00 10.91 -0.56
CA ILE A 212 -1.02 11.01 -2.00
C ILE A 212 -1.15 9.61 -2.62
N ALA A 213 -0.35 8.67 -2.11
CA ALA A 213 -0.37 7.31 -2.61
C ALA A 213 -1.71 6.64 -2.35
N ASN A 214 -2.29 6.93 -1.19
CA ASN A 214 -3.59 6.38 -0.82
C ASN A 214 -4.68 6.85 -1.77
N ALA A 215 -4.62 8.13 -2.14
CA ALA A 215 -5.63 8.73 -3.01
C ALA A 215 -5.43 8.30 -4.46
N LEU A 216 -4.19 7.91 -4.78
CA LEU A 216 -3.90 7.38 -6.11
C LEU A 216 -4.52 6.00 -6.26
N ILE A 217 -4.46 5.22 -5.18
CA ILE A 217 -5.03 3.87 -5.16
C ILE A 217 -6.56 3.92 -5.30
N THR A 218 -7.19 4.78 -4.53
CA THR A 218 -8.64 4.95 -4.61
C THR A 218 -9.07 5.42 -6.00
N GLU A 219 -8.20 6.18 -6.65
CA GLU A 219 -8.50 6.70 -7.98
C GLU A 219 -8.36 5.60 -9.03
N ARG A 220 -7.34 4.76 -8.89
CA ARG A 220 -7.13 3.65 -9.82
C ARG A 220 -8.21 2.60 -9.65
N ARG A 221 -8.70 2.44 -8.43
CA ARG A 221 -9.76 1.49 -8.14
C ARG A 221 -11.11 1.99 -8.65
N ARG A 222 -11.23 3.30 -8.80
CA ARG A 222 -12.47 3.89 -9.31
C ARG A 222 -12.47 3.84 -10.85
N THR A 223 -11.27 3.90 -11.42
CA THR A 223 -11.09 3.72 -12.86
C THR A 223 -11.50 2.32 -13.29
N LYS A 224 -11.13 1.32 -12.47
CA LYS A 224 -11.47 -0.06 -12.75
C LYS A 224 -12.98 -0.28 -12.62
N ALA A 225 -13.58 0.36 -11.62
CA ALA A 225 -15.02 0.25 -11.39
C ALA A 225 -15.79 0.77 -12.59
N MET A 226 -15.34 1.89 -13.14
CA MET A 226 -15.97 2.49 -14.31
C MET A 226 -15.76 1.59 -15.53
N GLU A 227 -14.55 1.04 -15.65
CA GLU A 227 -14.25 0.10 -16.72
C GLU A 227 -15.11 -1.15 -16.62
N ASP A 228 -15.33 -1.62 -15.40
CA ASP A 228 -16.17 -2.78 -15.16
C ASP A 228 -17.59 -2.54 -15.64
N ALA A 229 -18.08 -1.32 -15.42
CA ALA A 229 -19.43 -0.93 -15.83
C ALA A 229 -19.55 -0.91 -17.35
N LEU A 230 -18.53 -0.39 -18.02
CA LEU A 230 -18.53 -0.35 -19.48
C LEU A 230 -18.47 -1.75 -20.08
N ARG A 231 -17.65 -2.60 -19.50
CA ARG A 231 -17.55 -3.99 -19.94
C ARG A 231 -18.86 -4.75 -19.76
N ALA A 232 -19.50 -4.56 -18.62
CA ALA A 232 -20.73 -5.27 -18.30
C ALA A 232 -21.86 -4.87 -19.25
N HIS A 233 -21.93 -3.59 -19.59
CA HIS A 233 -22.87 -3.11 -20.60
C HIS A 233 -22.52 -3.65 -21.98
N GLY A 234 -21.24 -3.56 -22.33
CA GLY A 234 -20.77 -4.04 -23.61
C GLY A 234 -20.16 -3.00 -24.53
N LEU A 235 -19.86 -1.82 -23.98
CA LEU A 235 -19.25 -0.76 -24.78
C LEU A 235 -17.81 -1.11 -25.12
N ILE A 236 -17.14 -1.83 -24.22
CA ILE A 236 -15.79 -2.31 -24.47
C ILE A 236 -15.71 -3.82 -24.23
N ASP A 237 -14.71 -4.45 -24.83
CA ASP A 237 -14.45 -5.86 -24.58
C ASP A 237 -13.55 -6.06 -23.37
N GLY B 59 -30.36 -26.86 -23.53
CA GLY B 59 -30.81 -25.95 -22.50
C GLY B 59 -31.81 -26.58 -21.57
N ALA B 60 -32.45 -25.74 -20.76
CA ALA B 60 -33.45 -26.21 -19.81
C ALA B 60 -32.83 -26.95 -18.62
N TYR B 61 -32.09 -28.01 -18.93
CA TYR B 61 -31.13 -28.60 -18.00
C TYR B 61 -29.97 -27.68 -17.66
N ASP B 62 -29.51 -26.91 -18.64
CA ASP B 62 -28.24 -26.21 -18.57
C ASP B 62 -28.20 -25.20 -17.41
N ALA B 63 -29.31 -24.51 -17.20
CA ALA B 63 -29.40 -23.49 -16.15
C ALA B 63 -29.23 -24.06 -14.74
N GLN B 64 -29.76 -25.25 -14.52
CA GLN B 64 -29.56 -25.95 -13.25
C GLN B 64 -28.09 -26.33 -13.04
N VAL B 65 -27.44 -26.75 -14.12
CA VAL B 65 -26.03 -27.15 -14.06
C VAL B 65 -25.15 -25.94 -13.75
N LYS B 66 -25.47 -24.80 -14.33
CA LYS B 66 -24.69 -23.57 -14.13
C LYS B 66 -24.86 -23.02 -12.72
N ASN B 67 -26.08 -23.07 -12.20
CA ASN B 67 -26.33 -22.61 -10.84
C ASN B 67 -25.63 -23.51 -9.83
N ASP B 68 -25.57 -24.80 -10.15
CA ASP B 68 -24.91 -25.78 -9.28
C ASP B 68 -23.41 -25.55 -9.17
N GLU B 69 -22.75 -25.24 -10.29
CA GLU B 69 -21.30 -25.01 -10.28
C GLU B 69 -20.98 -23.68 -9.62
N GLN B 70 -21.90 -22.73 -9.72
CA GLN B 70 -21.75 -21.44 -9.06
C GLN B 70 -21.83 -21.63 -7.56
N ASP B 71 -22.73 -22.52 -7.13
CA ASP B 71 -22.85 -22.87 -5.73
C ASP B 71 -21.55 -23.50 -5.21
N VAL B 72 -20.96 -24.38 -6.03
CA VAL B 72 -19.73 -25.06 -5.68
C VAL B 72 -18.57 -24.07 -5.52
N GLU B 73 -18.47 -23.14 -6.47
CA GLU B 73 -17.40 -22.15 -6.44
C GLU B 73 -17.59 -21.18 -5.28
N LEU B 74 -18.83 -20.79 -5.02
CA LEU B 74 -19.16 -19.93 -3.90
C LEU B 74 -18.80 -20.58 -2.58
N ALA B 75 -19.07 -21.88 -2.47
CA ALA B 75 -18.74 -22.63 -1.27
C ALA B 75 -17.23 -22.74 -1.10
N ASP B 76 -16.53 -22.85 -2.22
CA ASP B 76 -15.07 -22.94 -2.19
C ASP B 76 -14.47 -21.61 -1.84
N HIS B 77 -15.03 -20.53 -2.40
CA HIS B 77 -14.61 -19.18 -2.08
C HIS B 77 -14.87 -18.87 -0.60
N GLU B 78 -16.01 -19.33 -0.10
CA GLU B 78 -16.41 -19.08 1.27
C GLU B 78 -15.44 -19.71 2.26
N ALA B 79 -14.99 -20.92 1.96
CA ALA B 79 -14.08 -21.65 2.82
C ALA B 79 -12.69 -21.03 2.82
N ARG B 80 -12.25 -20.57 1.66
CA ARG B 80 -10.92 -19.98 1.51
C ARG B 80 -10.85 -18.58 2.11
N ILE B 81 -11.96 -17.86 2.07
CA ILE B 81 -12.04 -16.53 2.68
C ILE B 81 -11.99 -16.67 4.19
N LYS B 82 -12.67 -17.68 4.71
CA LYS B 82 -12.66 -17.97 6.14
C LYS B 82 -11.24 -18.24 6.65
N GLN B 83 -10.45 -18.98 5.88
CA GLN B 83 -9.12 -19.34 6.30
C GLN B 83 -8.17 -18.14 6.19
N LEU B 84 -8.36 -17.34 5.14
CA LEU B 84 -7.63 -16.08 5.00
C LEU B 84 -7.88 -15.18 6.20
N ARG B 85 -9.14 -15.10 6.61
CA ARG B 85 -9.54 -14.28 7.74
C ARG B 85 -8.88 -14.75 9.04
N ILE B 86 -8.81 -16.07 9.21
CA ILE B 86 -8.16 -16.66 10.37
C ILE B 86 -6.67 -16.31 10.40
N ASP B 87 -6.02 -16.49 9.25
CA ASP B 87 -4.59 -16.26 9.13
C ASP B 87 -4.20 -14.79 9.33
N VAL B 88 -4.99 -13.89 8.76
CA VAL B 88 -4.69 -12.46 8.83
C VAL B 88 -4.93 -11.93 10.25
N ASP B 89 -5.95 -12.44 10.92
CA ASP B 89 -6.21 -12.08 12.31
C ASP B 89 -5.08 -12.56 13.23
N ASP B 90 -4.46 -13.68 12.87
CA ASP B 90 -3.33 -14.20 13.63
C ASP B 90 -2.10 -13.34 13.39
N HIS B 91 -1.93 -12.90 12.15
CA HIS B 91 -0.81 -12.04 11.78
C HIS B 91 -0.90 -10.70 12.50
N GLU B 92 -2.11 -10.17 12.63
CA GLU B 92 -2.36 -8.91 13.32
C GLU B 92 -1.75 -8.92 14.72
N SER B 93 -2.04 -9.98 15.47
CA SER B 93 -1.52 -10.14 16.83
C SER B 93 0.00 -10.23 16.82
N ARG B 94 0.54 -10.97 15.85
CA ARG B 94 1.97 -11.24 15.78
C ARG B 94 2.76 -10.00 15.35
N ILE B 95 2.22 -9.24 14.41
CA ILE B 95 2.89 -8.04 13.93
C ILE B 95 2.84 -6.97 15.02
N THR B 96 1.75 -6.97 15.78
CA THR B 96 1.61 -6.05 16.91
C THR B 96 2.62 -6.42 18.00
N ALA B 97 2.78 -7.71 18.24
CA ALA B 97 3.73 -8.21 19.22
C ALA B 97 5.17 -7.92 18.83
N ASN B 98 5.48 -8.11 17.55
CA ASN B 98 6.83 -7.86 17.06
C ASN B 98 7.21 -6.39 17.12
N THR B 99 6.27 -5.53 16.77
CA THR B 99 6.50 -4.09 16.79
C THR B 99 6.80 -3.59 18.21
N LYS B 100 6.02 -4.09 19.17
CA LYS B 100 6.21 -3.73 20.57
C LYS B 100 7.53 -4.27 21.12
N ALA B 101 7.91 -5.46 20.64
CA ALA B 101 9.14 -6.10 21.09
C ALA B 101 10.36 -5.35 20.56
N ILE B 102 10.25 -4.80 19.35
CA ILE B 102 11.32 -4.03 18.75
C ILE B 102 11.49 -2.72 19.52
N THR B 103 10.36 -2.10 19.87
CA THR B 103 10.37 -0.87 20.65
C THR B 103 11.04 -1.08 22.00
N ALA B 104 10.72 -2.22 22.64
CA ALA B 104 11.29 -2.54 23.94
C ALA B 104 12.79 -2.83 23.82
N LEU B 105 13.19 -3.44 22.71
CA LEU B 105 14.59 -3.76 22.47
C LEU B 105 15.39 -2.48 22.24
N ASN B 106 14.78 -1.53 21.54
CA ASN B 106 15.42 -0.24 21.26
C ASN B 106 15.67 0.53 22.54
N VAL B 107 14.76 0.39 23.50
CA VAL B 107 14.89 1.04 24.80
C VAL B 107 16.12 0.50 25.52
N ARG B 108 16.26 -0.82 25.53
CA ARG B 108 17.38 -1.47 26.20
C ARG B 108 18.71 -1.15 25.52
N VAL B 109 18.71 -1.12 24.19
CA VAL B 109 19.92 -0.85 23.42
C VAL B 109 20.35 0.60 23.63
N THR B 110 19.38 1.51 23.68
CA THR B 110 19.67 2.92 23.89
C THR B 110 20.29 3.13 25.26
N THR B 111 19.75 2.43 26.25
CA THR B 111 20.27 2.48 27.61
C THR B 111 21.69 1.94 27.66
N ALA B 112 21.93 0.83 26.96
CA ALA B 112 23.24 0.19 26.95
C ALA B 112 24.27 1.07 26.25
N GLU B 113 23.83 1.76 25.20
CA GLU B 113 24.71 2.68 24.48
C GLU B 113 25.04 3.85 25.40
N GLY B 114 24.07 4.21 26.23
CA GLY B 114 24.24 5.28 27.21
C GLY B 114 25.20 4.88 28.31
N GLU B 115 25.32 3.58 28.53
CA GLU B 115 26.22 3.06 29.56
C GLU B 115 27.66 2.80 29.05
N ILE B 116 27.79 2.48 27.76
CA ILE B 116 29.11 2.23 27.17
C ILE B 116 29.98 3.48 27.02
N ALA B 117 29.41 4.57 26.53
CA ALA B 117 30.14 5.82 26.36
C ALA B 117 30.63 6.34 27.71
N SER B 118 29.82 6.09 28.74
CA SER B 118 30.16 6.46 30.11
C SER B 118 31.35 5.64 30.59
N LEU B 119 31.34 4.35 30.28
CA LEU B 119 32.44 3.47 30.64
C LEU B 119 33.70 3.87 29.89
N GLN B 120 33.54 4.19 28.60
CA GLN B 120 34.66 4.59 27.76
C GLN B 120 35.28 5.89 28.24
N THR B 121 34.49 6.71 28.93
CA THR B 121 34.96 7.97 29.48
C THR B 121 35.77 7.70 30.74
N ASN B 122 35.25 6.82 31.60
CA ASN B 122 35.93 6.48 32.85
C ASN B 122 37.22 5.72 32.60
N VAL B 123 37.23 4.85 31.60
CA VAL B 123 38.41 4.07 31.25
C VAL B 123 39.49 4.99 30.68
N SER B 124 39.07 5.97 29.89
CA SER B 124 40.00 6.94 29.32
C SER B 124 40.58 7.82 30.43
N ALA B 125 39.75 8.15 31.40
CA ALA B 125 40.17 8.97 32.54
C ALA B 125 41.10 8.18 33.45
N LEU B 126 40.80 6.90 33.63
CA LEU B 126 41.62 6.03 34.46
C LEU B 126 42.99 5.81 33.83
N ASP B 127 43.03 5.73 32.50
CA ASP B 127 44.28 5.54 31.78
C ASP B 127 45.24 6.71 32.02
N GLY B 128 44.70 7.91 32.08
CA GLY B 128 45.50 9.10 32.35
C GLY B 128 46.02 9.14 33.78
N ARG B 129 45.19 8.68 34.71
CA ARG B 129 45.56 8.64 36.12
C ARG B 129 46.66 7.62 36.39
N VAL B 130 46.58 6.46 35.74
CA VAL B 130 47.54 5.40 35.95
C VAL B 130 48.89 5.76 35.34
N THR B 131 48.86 6.35 34.15
CA THR B 131 50.07 6.80 33.48
C THR B 131 50.82 7.82 34.34
N THR B 132 50.06 8.74 34.92
CA THR B 132 50.62 9.74 35.82
C THR B 132 51.22 9.07 37.06
N ALA B 133 50.50 8.07 37.57
CA ALA B 133 50.94 7.34 38.75
C ALA B 133 52.22 6.55 38.47
N GLU B 134 52.25 5.88 37.32
CA GLU B 134 53.41 5.09 36.92
C GLU B 134 54.67 5.94 36.77
N ASN B 135 54.50 7.20 36.38
CA ASN B 135 55.62 8.10 36.20
C ASN B 135 56.07 8.69 37.53
N ASN B 136 55.14 8.83 38.46
CA ASN B 136 55.47 9.29 39.81
C ASN B 136 56.19 8.20 40.58
N ILE B 137 55.81 6.95 40.33
CA ILE B 137 56.43 5.80 40.98
C ILE B 137 57.87 5.64 40.48
N SER B 138 58.04 5.78 39.16
CA SER B 138 59.36 5.66 38.55
C SER B 138 60.29 6.74 39.07
N ALA B 139 59.76 7.94 39.26
CA ALA B 139 60.52 9.06 39.79
C ALA B 139 60.95 8.79 41.23
N LEU B 140 60.03 8.21 42.02
CA LEU B 140 60.33 7.88 43.40
C LEU B 140 61.40 6.80 43.50
N GLN B 141 61.22 5.72 42.74
CA GLN B 141 62.14 4.59 42.75
C GLN B 141 63.58 4.98 42.44
N ALA B 142 63.76 5.94 41.54
CA ALA B 142 65.09 6.36 41.11
C ALA B 142 65.72 7.39 42.05
N ASP B 143 64.88 8.09 42.81
CA ASP B 143 65.33 9.24 43.58
C ASP B 143 65.40 8.99 45.08
N TYR B 144 64.76 7.92 45.55
CA TYR B 144 64.64 7.69 46.99
C TYR B 144 65.85 6.98 47.59
N VAL B 145 66.05 7.18 48.89
CA VAL B 145 67.16 6.54 49.60
C VAL B 145 66.69 5.23 50.22
N SER B 146 67.35 4.14 49.86
CA SER B 146 66.91 2.80 50.27
C SER B 146 67.58 2.34 51.55
N LYS B 147 66.80 1.69 52.41
CA LYS B 147 67.31 1.13 53.66
C LYS B 147 68.02 -0.20 53.43
N THR B 148 67.78 -0.82 52.29
CA THR B 148 68.28 -2.17 52.03
C THR B 148 69.39 -2.20 50.98
N ALA B 149 69.48 -1.14 50.18
CA ALA B 149 70.52 -1.03 49.16
C ALA B 149 71.92 -1.11 49.80
N THR B 150 72.84 -1.78 49.12
CA THR B 150 74.18 -1.98 49.68
C THR B 150 75.21 -1.04 49.06
N THR B 151 74.97 -0.61 47.83
CA THR B 151 75.85 0.36 47.18
C THR B 151 75.69 1.72 47.84
N SER B 152 76.81 2.39 48.11
CA SER B 152 76.81 3.69 48.77
C SER B 152 75.88 4.69 48.07
N GLN B 153 75.12 5.42 48.86
CA GLN B 153 74.16 6.38 48.33
C GLN B 153 74.57 7.80 48.70
N SER B 154 74.34 8.74 47.78
CA SER B 154 74.79 10.11 47.96
C SER B 154 73.64 11.11 47.87
N LEU B 155 73.64 12.08 48.79
CA LEU B 155 72.64 13.15 48.76
C LEU B 155 73.24 14.42 48.16
N ALA B 156 72.40 15.20 47.49
CA ALA B 156 72.83 16.47 46.92
C ALA B 156 72.63 17.61 47.91
N SER B 157 72.13 17.26 49.09
CA SER B 157 71.83 18.25 50.12
C SER B 157 72.53 17.92 51.43
N PRO B 158 72.63 18.92 52.33
CA PRO B 158 73.04 18.63 53.71
C PRO B 158 72.05 17.69 54.39
N LEU B 159 72.42 17.14 55.55
CA LEU B 159 71.57 16.20 56.24
C LEU B 159 71.45 16.55 57.72
N ASN B 160 70.24 16.46 58.25
CA ASN B 160 70.00 16.64 59.68
C ASN B 160 69.21 15.48 60.27
N VAL B 161 69.64 15.00 61.43
CA VAL B 161 68.92 13.93 62.11
C VAL B 161 68.63 14.32 63.55
N THR B 162 67.81 13.54 64.21
CA THR B 162 67.56 13.71 65.63
C THR B 162 68.46 12.81 66.45
N THR B 163 69.08 13.40 67.46
CA THR B 163 69.84 12.68 68.49
C THR B 163 71.22 12.15 68.05
N SER B 164 71.27 11.27 67.05
CA SER B 164 72.53 10.58 66.77
C SER B 164 72.73 10.14 65.32
N TYR B 165 73.99 10.03 64.94
CA TYR B 165 74.40 9.24 63.79
C TYR B 165 75.13 8.00 64.29
N SER B 166 74.81 6.85 63.71
CA SER B 166 75.47 5.61 64.12
C SER B 166 76.12 4.89 62.95
N VAL B 167 77.17 4.14 63.25
CA VAL B 167 77.83 3.29 62.25
C VAL B 167 77.89 1.86 62.75
N GLY B 168 77.32 0.93 61.99
CA GLY B 168 77.32 -0.47 62.36
C GLY B 168 76.64 -0.78 63.67
N GLY B 169 75.67 0.07 64.05
CA GLY B 169 74.92 -0.15 65.26
C GLY B 169 75.48 0.52 66.49
N LYS B 170 76.58 1.25 66.33
CA LYS B 170 77.15 2.02 67.44
C LYS B 170 77.08 3.52 67.19
N LYS B 171 76.66 4.25 68.20
CA LYS B 171 76.57 5.70 68.11
C LYS B 171 77.96 6.29 68.02
N VAL B 172 78.20 7.11 67.00
CA VAL B 172 79.51 7.70 66.80
C VAL B 172 79.44 9.22 66.84
N LEU B 173 78.24 9.75 66.71
CA LEU B 173 78.05 11.18 66.62
C LEU B 173 76.75 11.65 67.27
N GLY B 174 76.86 12.65 68.12
CA GLY B 174 75.72 13.18 68.84
C GLY B 174 75.58 14.68 68.68
N ALA B 175 74.88 15.30 69.63
CA ALA B 175 74.69 16.75 69.63
C ALA B 175 76.01 17.47 69.89
N ARG B 176 76.14 18.67 69.34
CA ARG B 176 77.30 19.52 69.59
C ARG B 176 77.61 19.65 71.06
N GLN B 177 78.88 19.48 71.42
CA GLN B 177 79.31 19.61 72.81
C GLN B 177 79.59 21.06 73.13
N THR B 178 78.94 21.57 74.17
CA THR B 178 79.03 23.00 74.48
C THR B 178 79.79 23.25 75.78
N GLY B 179 80.03 24.52 76.08
CA GLY B 179 80.73 24.91 77.29
C GLY B 179 82.22 25.13 77.08
N TRP B 180 82.65 25.15 75.83
CA TRP B 180 84.06 25.34 75.51
C TRP B 180 84.44 26.81 75.41
N THR B 181 85.60 27.14 75.95
CA THR B 181 86.22 28.44 75.70
C THR B 181 87.31 28.23 74.67
N ALA B 182 87.20 28.90 73.54
CA ALA B 182 88.10 28.69 72.42
C ALA B 182 89.55 29.02 72.78
N ALA B 183 90.45 28.08 72.50
CA ALA B 183 91.88 28.31 72.68
C ALA B 183 92.35 29.41 71.75
N THR B 184 93.33 30.19 72.19
CA THR B 184 93.90 31.24 71.35
C THR B 184 95.36 30.93 71.05
N GLY B 185 95.92 31.62 70.06
CA GLY B 185 97.32 31.46 69.72
C GLY B 185 97.58 30.69 68.44
N THR B 186 98.76 30.10 68.36
CA THR B 186 99.20 29.38 67.16
C THR B 186 98.66 27.96 67.14
N ALA B 187 98.30 27.49 65.95
CA ALA B 187 97.89 26.10 65.75
C ALA B 187 99.01 25.33 65.03
N ASN B 188 99.28 24.12 65.49
CA ASN B 188 100.36 23.32 64.93
C ASN B 188 99.83 22.09 64.19
N LYS B 189 99.85 22.14 62.87
CA LYS B 189 99.43 21.02 62.04
C LYS B 189 100.60 20.47 61.25
N GLY B 190 101.82 20.85 61.64
CA GLY B 190 103.01 20.45 60.92
C GLY B 190 103.69 19.21 61.50
N VAL B 191 104.99 19.12 61.29
CA VAL B 191 105.79 17.99 61.76
C VAL B 191 105.69 17.87 63.29
N PHE B 192 105.41 16.66 63.76
CA PHE B 192 105.24 16.43 65.19
C PHE B 192 105.68 15.02 65.55
N ASP B 193 106.66 14.91 66.44
CA ASP B 193 107.20 13.62 66.83
C ASP B 193 106.88 13.29 68.28
N ALA B 194 106.04 12.28 68.48
CA ALA B 194 105.61 11.90 69.82
C ALA B 194 106.66 11.04 70.52
N ASP B 195 107.70 10.64 69.78
CA ASP B 195 108.79 9.86 70.34
C ASP B 195 109.98 10.74 70.71
N LEU B 196 109.75 12.05 70.73
CA LEU B 196 110.79 12.99 71.17
C LEU B 196 111.08 12.80 72.64
N THR B 197 112.35 12.59 72.98
CA THR B 197 112.77 12.42 74.37
C THR B 197 113.66 13.58 74.80
N PHE B 198 113.99 13.61 76.09
CA PHE B 198 114.76 14.73 76.64
C PHE B 198 115.86 14.27 77.60
N ALA B 199 117.05 14.85 77.42
CA ALA B 199 118.16 14.59 78.32
C ALA B 199 117.99 15.39 79.60
N VAL B 200 118.19 14.72 80.74
CA VAL B 200 118.08 15.37 82.04
C VAL B 200 119.31 15.04 82.87
N SER B 201 120.21 16.01 83.00
CA SER B 201 121.45 15.81 83.75
C SER B 201 121.23 15.93 85.25
N ASP B 202 122.26 15.59 86.03
CA ASP B 202 122.19 15.69 87.48
C ASP B 202 122.50 17.11 87.94
N THR B 203 123.00 17.91 87.00
CA THR B 203 123.25 19.33 87.24
C THR B 203 122.41 20.16 86.28
N TYR B 204 122.12 21.40 86.66
CA TYR B 204 121.28 22.27 85.85
C TYR B 204 121.86 22.51 84.46
N THR B 205 121.07 22.20 83.45
CA THR B 205 121.46 22.49 82.08
C THR B 205 120.35 23.28 81.41
N GLN B 206 120.62 24.57 81.21
CA GLN B 206 119.65 25.49 80.62
C GLN B 206 119.06 24.99 79.31
N SER B 207 119.91 24.42 78.46
CA SER B 207 119.49 23.93 77.15
C SER B 207 118.53 22.76 77.23
N GLU B 208 118.63 21.98 78.31
CA GLU B 208 117.75 20.83 78.49
C GLU B 208 116.36 21.25 78.95
N ILE B 209 116.30 22.34 79.70
CA ILE B 209 115.02 22.86 80.19
C ILE B 209 114.34 23.60 79.06
N GLN B 210 115.14 24.22 78.19
CA GLN B 210 114.61 24.89 77.01
C GLN B 210 113.96 23.88 76.07
N ALA B 211 114.61 22.73 75.93
CA ALA B 211 114.13 21.67 75.06
C ALA B 211 112.77 21.15 75.55
N ILE B 212 112.65 20.99 76.86
CA ILE B 212 111.39 20.53 77.46
C ILE B 212 110.31 21.59 77.25
N ALA B 213 110.65 22.84 77.51
CA ALA B 213 109.70 23.94 77.38
C ALA B 213 109.28 24.14 75.92
N ASN B 214 110.23 24.01 75.01
CA ASN B 214 109.95 24.17 73.58
C ASN B 214 108.97 23.11 73.07
N ALA B 215 109.16 21.88 73.52
CA ALA B 215 108.31 20.78 73.07
C ALA B 215 106.95 20.83 73.74
N LEU B 216 106.89 21.48 74.91
CA LEU B 216 105.62 21.68 75.60
C LEU B 216 104.81 22.73 74.86
N ILE B 217 105.49 23.76 74.34
CA ILE B 217 104.84 24.80 73.56
C ILE B 217 104.29 24.20 72.28
N THR B 218 105.09 23.36 71.64
CA THR B 218 104.67 22.66 70.43
C THR B 218 103.47 21.77 70.72
N GLU B 219 103.39 21.29 71.95
CA GLU B 219 102.30 20.41 72.37
C GLU B 219 100.99 21.17 72.56
N ARG B 220 101.09 22.36 73.14
CA ARG B 220 99.90 23.18 73.39
C ARG B 220 99.33 23.68 72.06
N ARG B 221 100.21 23.94 71.11
CA ARG B 221 99.84 24.43 69.80
C ARG B 221 99.23 23.35 68.92
N ARG B 222 99.67 22.10 69.12
CA ARG B 222 99.06 20.94 68.49
C ARG B 222 97.64 20.69 69.01
N THR B 223 97.49 20.82 70.33
CA THR B 223 96.20 20.65 70.98
C THR B 223 95.20 21.67 70.45
N LYS B 224 95.67 22.89 70.22
CA LYS B 224 94.83 23.95 69.70
C LYS B 224 94.38 23.64 68.28
N ALA B 225 95.30 23.11 67.48
CA ALA B 225 95.01 22.74 66.10
C ALA B 225 93.91 21.69 66.04
N MET B 226 93.99 20.70 66.93
CA MET B 226 92.99 19.65 67.01
C MET B 226 91.65 20.19 67.49
N GLU B 227 91.69 21.09 68.47
CA GLU B 227 90.50 21.75 68.97
C GLU B 227 89.82 22.57 67.87
N ASP B 228 90.63 23.26 67.07
CA ASP B 228 90.12 24.06 65.96
C ASP B 228 89.39 23.19 64.94
N ALA B 229 89.90 21.98 64.72
CA ALA B 229 89.30 21.05 63.77
C ALA B 229 87.93 20.58 64.24
N LEU B 230 87.82 20.30 65.53
CA LEU B 230 86.55 19.86 66.11
C LEU B 230 85.51 20.97 66.07
N ARG B 231 85.92 22.18 66.39
CA ARG B 231 85.03 23.34 66.36
C ARG B 231 84.53 23.63 64.94
N ALA B 232 85.45 23.58 63.97
CA ALA B 232 85.13 23.89 62.59
C ALA B 232 84.16 22.87 62.00
N HIS B 233 84.30 21.60 62.39
CA HIS B 233 83.33 20.59 62.00
C HIS B 233 81.98 20.92 62.65
N GLY B 234 82.03 21.23 63.94
CA GLY B 234 80.84 21.57 64.69
C GLY B 234 80.60 20.57 65.81
N LEU B 235 81.61 19.75 66.08
CA LEU B 235 81.50 18.74 67.12
C LEU B 235 81.52 19.40 68.49
N ILE B 236 82.25 20.50 68.62
CA ILE B 236 82.26 21.29 69.84
C ILE B 236 81.99 22.73 69.49
N ASP B 237 81.52 23.52 70.46
CA ASP B 237 81.35 24.95 70.25
C ASP B 237 82.65 25.70 70.57
CA CA C . -133.64 -27.86 -98.72
CL CL D . -100.24 -18.28 -75.87
CA CA E . -26.86 -18.15 -11.07
CL CL F . 6.69 -8.58 11.88
#